data_5QCA
#
_entry.id   5QCA
#
_cell.length_a   61.968
_cell.length_b   52.881
_cell.length_c   80.504
_cell.angle_alpha   90.00
_cell.angle_beta   95.32
_cell.angle_gamma   90.00
#
_symmetry.space_group_name_H-M   'P 1 21 1'
#
loop_
_entity.id
_entity.type
_entity.pdbx_description
1 polymer 'Cathepsin S'
2 non-polymer 1-{4-[(2-chloro-5-{1-[3-(4-cyclopropylpiperazin-1-yl)propyl]-5-(methylsulfonyl)-4,5,6,7-tetrahydro-1H-pyrazolo[4,3-c]pyridin-3-yl}phenyl)ethynyl]phenyl}-N-[(4-chlorophenyl)methyl]methanamine
3 non-polymer 'SULFATE ION'
4 water water
#
_entity_poly.entity_id   1
_entity_poly.type   'polypeptide(L)'
_entity_poly.pdbx_seq_one_letter_code
;ILPDSVDWREKGCVTEVKYQGSCGASWAFSAVGALEAQLKLKTGKLVSLSAQNLVDCSTEKYGNKGCNGGFMTTAFQYII
DNKGIDSDASYPYKAMDQKCQYDSKYRAATCSKYTELPYGREDVLKEAVANKGPVSVGVDARHPSFFLYRSGVYYEPSCT
QNVNHGVLVVGYGDLNGKEYWLVKNSWGHNFGEEGYIRMARNKGNHCGIASFPSYPEILQGGG
;
_entity_poly.pdbx_strand_id   A,B
#
loop_
_chem_comp.id
_chem_comp.type
_chem_comp.name
_chem_comp.formula
BGJ non-polymer 1-{4-[(2-chloro-5-{1-[3-(4-cyclopropylpiperazin-1-yl)propyl]-5-(methylsulfonyl)-4,5,6,7-tetrahydro-1H-pyrazolo[4,3-c]pyridin-3-yl}phenyl)ethynyl]phenyl}-N-[(4-chlorophenyl)methyl]methanamine 'C39 H44 Cl2 N6 O2 S'
SO4 non-polymer 'SULFATE ION' 'O4 S -2'
#
# COMPACT_ATOMS: atom_id res chain seq x y z
N ILE A 1 2.93 -12.67 -20.84
CA ILE A 1 1.56 -12.60 -20.26
C ILE A 1 1.57 -11.77 -18.98
N LEU A 2 1.02 -10.55 -19.05
CA LEU A 2 1.08 -9.60 -17.94
C LEU A 2 -0.03 -9.87 -16.94
N PRO A 3 0.25 -9.70 -15.64
CA PRO A 3 -0.82 -9.84 -14.65
C PRO A 3 -1.89 -8.76 -14.77
N ASP A 4 -3.12 -9.07 -14.37
CA ASP A 4 -4.23 -8.13 -14.48
C ASP A 4 -4.12 -6.93 -13.57
N SER A 5 -3.47 -7.09 -12.41
CA SER A 5 -3.21 -5.98 -11.50
C SER A 5 -1.82 -6.09 -10.90
N VAL A 6 -1.18 -4.95 -10.66
CA VAL A 6 0.01 -4.90 -9.82
C VAL A 6 -0.09 -3.73 -8.83
N ASP A 7 0.58 -3.90 -7.70
CA ASP A 7 0.72 -2.85 -6.70
C ASP A 7 2.04 -3.07 -6.00
N TRP A 8 3.01 -2.25 -6.34
CA TRP A 8 4.35 -2.40 -5.81
C TRP A 8 4.47 -2.13 -4.31
N ARG A 9 3.43 -1.51 -3.72
CA ARG A 9 3.38 -1.39 -2.26
C ARG A 9 3.29 -2.76 -1.60
N GLU A 10 2.54 -3.69 -2.21
CA GLU A 10 2.40 -5.03 -1.69
C GLU A 10 3.70 -5.85 -1.80
N LYS A 11 4.63 -5.43 -2.66
CA LYS A 11 5.95 -6.05 -2.70
C LYS A 11 6.97 -5.34 -1.84
N GLY A 12 6.57 -4.31 -1.13
CA GLY A 12 7.47 -3.58 -0.23
C GLY A 12 8.48 -2.67 -0.89
N CYS A 13 8.16 -2.15 -2.07
CA CYS A 13 9.11 -1.34 -2.87
C CYS A 13 8.85 0.17 -2.88
N VAL A 14 7.88 0.61 -2.10
CA VAL A 14 7.39 1.98 -2.12
C VAL A 14 7.47 2.55 -0.72
N THR A 15 8.19 3.66 -0.59
CA THR A 15 8.31 4.38 0.67
C THR A 15 7.04 5.20 0.91
N GLU A 16 6.93 5.76 2.10
CA GLU A 16 5.78 6.59 2.45
C GLU A 16 5.65 7.82 1.54
N VAL A 17 4.42 8.28 1.42
CA VAL A 17 4.10 9.48 0.68
C VAL A 17 4.77 10.69 1.32
N LYS A 18 5.36 11.53 0.48
CA LYS A 18 6.04 12.74 0.93
C LYS A 18 5.14 13.94 0.69
N TYR A 19 5.52 15.07 1.30
CA TYR A 19 4.81 16.34 1.22
C TYR A 19 5.78 17.41 0.69
N GLN A 20 5.56 17.85 -0.55
CA GLN A 20 6.48 18.78 -1.17
C GLN A 20 6.32 20.22 -0.70
N GLY A 21 5.18 20.56 -0.08
CA GLY A 21 4.97 21.91 0.42
C GLY A 21 5.00 22.93 -0.71
N SER A 22 5.56 24.11 -0.45
CA SER A 22 5.64 25.18 -1.44
C SER A 22 6.94 25.14 -2.23
N CYS A 23 7.10 24.07 -2.98
CA CYS A 23 8.27 23.89 -3.80
C CYS A 23 7.87 22.91 -4.90
N GLY A 24 8.04 23.34 -6.14
CA GLY A 24 7.66 22.55 -7.30
C GLY A 24 8.69 21.49 -7.62
N ALA A 25 8.84 20.54 -6.69
CA ALA A 25 9.86 19.49 -6.75
C ALA A 25 9.25 18.13 -7.07
N SER A 26 8.03 18.09 -7.60
CA SER A 26 7.39 16.82 -7.93
C SER A 26 8.27 15.94 -8.81
N TRP A 27 8.99 16.56 -9.75
CA TRP A 27 9.98 15.87 -10.57
C TRP A 27 11.06 15.14 -9.73
N ALA A 28 11.52 15.76 -8.66
CA ALA A 28 12.52 15.14 -7.81
C ALA A 28 11.92 13.97 -7.01
N PHE A 29 10.71 14.16 -6.49
CA PHE A 29 10.02 13.09 -5.76
C PHE A 29 9.71 11.89 -6.67
N SER A 30 9.25 12.15 -7.89
CA SER A 30 9.01 11.08 -8.86
C SER A 30 10.28 10.25 -9.14
N ALA A 31 11.38 10.94 -9.35
CA ALA A 31 12.66 10.31 -9.65
C ALA A 31 13.15 9.45 -8.48
N VAL A 32 13.17 9.99 -7.28
CA VAL A 32 13.69 9.22 -6.15
C VAL A 32 12.80 8.02 -5.86
N GLY A 33 11.47 8.18 -5.99
CA GLY A 33 10.54 7.09 -5.79
C GLY A 33 10.83 5.90 -6.68
N ALA A 34 11.12 6.17 -7.95
CA ALA A 34 11.47 5.12 -8.89
C ALA A 34 12.74 4.41 -8.49
N LEU A 35 13.75 5.19 -8.10
CA LEU A 35 15.04 4.63 -7.71
C LEU A 35 14.93 3.86 -6.40
N GLU A 36 14.10 4.34 -5.49
CA GLU A 36 13.83 3.63 -4.21
C GLU A 36 13.40 2.18 -4.48
N ALA A 37 12.53 1.97 -5.46
CA ALA A 37 12.06 0.64 -5.81
C ALA A 37 13.18 -0.25 -6.32
N GLN A 38 14.04 0.30 -7.16
CA GLN A 38 15.14 -0.47 -7.72
C GLN A 38 16.17 -0.79 -6.65
N LEU A 39 16.43 0.18 -5.76
CA LEU A 39 17.32 -0.05 -4.62
C LEU A 39 16.84 -1.22 -3.77
N LYS A 40 15.54 -1.27 -3.49
CA LYS A 40 14.95 -2.36 -2.73
C LYS A 40 15.07 -3.68 -3.49
N LEU A 41 14.74 -3.65 -4.77
CA LEU A 41 14.83 -4.83 -5.63
C LEU A 41 16.23 -5.43 -5.64
N LYS A 42 17.25 -4.58 -5.73
CA LYS A 42 18.63 -5.04 -5.77
C LYS A 42 19.18 -5.51 -4.41
N THR A 43 18.89 -4.75 -3.35
CA THR A 43 19.58 -4.90 -2.06
C THR A 43 18.73 -5.40 -0.90
N GLY A 44 17.42 -5.45 -1.08
CA GLY A 44 16.52 -5.76 0.01
C GLY A 44 16.20 -4.63 0.98
N LYS A 45 16.87 -3.48 0.87
CA LYS A 45 16.63 -2.36 1.78
C LYS A 45 15.73 -1.32 1.11
N LEU A 46 14.71 -0.87 1.84
CA LEU A 46 13.83 0.22 1.43
C LEU A 46 14.25 1.47 2.19
N VAL A 47 14.77 2.46 1.50
CA VAL A 47 15.16 3.72 2.13
C VAL A 47 14.72 4.91 1.27
N SER A 48 14.12 5.90 1.91
CA SER A 48 13.74 7.12 1.22
C SER A 48 15.01 7.82 0.75
N LEU A 49 15.02 8.27 -0.51
CA LEU A 49 16.19 8.94 -1.07
C LEU A 49 15.93 10.44 -1.12
N SER A 50 17.00 11.22 -1.20
CA SER A 50 16.91 12.67 -1.00
C SER A 50 16.43 13.40 -2.23
N ALA A 51 15.16 13.81 -2.21
CA ALA A 51 14.63 14.72 -3.23
C ALA A 51 15.36 16.06 -3.17
N GLN A 52 15.77 16.48 -1.98
CA GLN A 52 16.45 17.76 -1.81
C GLN A 52 17.83 17.76 -2.50
N ASN A 53 18.53 16.64 -2.41
CA ASN A 53 19.75 16.40 -3.18
C ASN A 53 19.52 16.76 -4.66
N LEU A 54 18.43 16.28 -5.24
CA LEU A 54 18.13 16.60 -6.65
C LEU A 54 17.77 18.06 -6.85
N VAL A 55 16.98 18.62 -5.93
CA VAL A 55 16.60 20.02 -6.01
C VAL A 55 17.84 20.93 -6.01
N ASP A 56 18.75 20.67 -5.08
CA ASP A 56 19.93 21.52 -4.90
C ASP A 56 21.05 21.28 -5.92
N CYS A 57 21.23 20.05 -6.35
CA CYS A 57 22.40 19.65 -7.15
C CYS A 57 22.15 19.35 -8.63
N SER A 58 20.97 18.86 -8.99
CA SER A 58 20.63 18.62 -10.40
C SER A 58 19.91 19.86 -10.92
N THR A 59 20.69 20.84 -11.36
CA THR A 59 20.19 22.19 -11.64
C THR A 59 20.37 22.52 -13.13
N GLU A 60 21.04 23.63 -13.48
CA GLU A 60 20.96 24.22 -14.84
C GLU A 60 21.59 23.31 -15.87
N LYS A 61 22.65 22.62 -15.49
CA LYS A 61 23.30 21.66 -16.37
C LYS A 61 22.34 20.55 -16.81
N TYR A 62 21.33 20.27 -15.99
CA TYR A 62 20.34 19.21 -16.24
C TYR A 62 18.96 19.75 -16.68
N GLY A 63 18.90 21.04 -17.03
CA GLY A 63 17.67 21.71 -17.41
C GLY A 63 16.65 21.89 -16.29
N ASN A 64 17.09 21.69 -15.05
CA ASN A 64 16.19 21.66 -13.91
C ASN A 64 16.30 22.99 -13.18
N LYS A 65 15.21 23.38 -12.55
CA LYS A 65 15.07 24.70 -11.93
C LYS A 65 14.60 24.57 -10.48
N GLY A 66 15.07 23.52 -9.80
CA GLY A 66 14.73 23.27 -8.39
C GLY A 66 13.26 23.32 -8.10
N CYS A 67 12.84 24.28 -7.27
CA CYS A 67 11.43 24.45 -6.90
C CYS A 67 10.55 25.04 -8.01
N ASN A 68 11.14 25.46 -9.14
CA ASN A 68 10.34 25.86 -10.31
C ASN A 68 10.18 24.78 -11.37
N GLY A 69 10.58 23.56 -11.07
CA GLY A 69 10.30 22.44 -11.95
C GLY A 69 11.55 21.78 -12.47
N GLY A 70 11.35 20.70 -13.20
CA GLY A 70 12.44 19.87 -13.70
C GLY A 70 11.94 18.59 -14.32
N PHE A 71 12.87 17.68 -14.59
CA PHE A 71 12.61 16.45 -15.33
C PHE A 71 13.22 15.27 -14.59
N MET A 72 12.49 14.16 -14.57
CA MET A 72 13.01 12.93 -13.97
C MET A 72 14.17 12.35 -14.75
N THR A 73 14.12 12.42 -16.08
CA THR A 73 15.17 11.84 -16.91
C THR A 73 16.54 12.47 -16.63
N THR A 74 16.59 13.79 -16.60
CA THR A 74 17.83 14.51 -16.31
C THR A 74 18.20 14.43 -14.82
N ALA A 75 17.23 14.22 -13.96
CA ALA A 75 17.49 13.86 -12.56
C ALA A 75 18.26 12.54 -12.46
N PHE A 76 17.81 11.53 -13.20
CA PHE A 76 18.53 10.25 -13.23
C PHE A 76 19.94 10.42 -13.78
N GLN A 77 20.09 11.25 -14.81
CA GLN A 77 21.40 11.50 -15.39
C GLN A 77 22.33 12.11 -14.36
N TYR A 78 21.84 13.08 -13.60
CA TYR A 78 22.62 13.63 -12.49
C TYR A 78 23.11 12.54 -11.54
N ILE A 79 22.24 11.62 -11.17
CA ILE A 79 22.63 10.56 -10.24
C ILE A 79 23.72 9.66 -10.87
N ILE A 80 23.60 9.41 -12.17
CA ILE A 80 24.62 8.67 -12.90
C ILE A 80 25.93 9.46 -12.87
N ASP A 81 25.90 10.70 -13.33
CA ASP A 81 27.12 11.54 -13.38
C ASP A 81 27.77 11.71 -12.01
N ASN A 82 26.93 11.91 -11.00
CA ASN A 82 27.38 12.16 -9.63
C ASN A 82 27.88 10.90 -8.93
N LYS A 83 27.62 9.72 -9.51
CA LYS A 83 27.93 8.44 -8.88
C LYS A 83 27.24 8.27 -7.50
N GLY A 84 26.06 8.88 -7.34
CA GLY A 84 25.26 8.62 -6.15
C GLY A 84 24.19 9.62 -5.81
N ILE A 85 23.35 9.23 -4.87
CA ILE A 85 22.36 10.11 -4.27
C ILE A 85 22.32 9.79 -2.78
N ASP A 86 22.19 10.84 -1.96
CA ASP A 86 22.11 10.69 -0.51
C ASP A 86 20.73 10.21 -0.08
N SER A 87 20.70 9.55 1.07
CA SER A 87 19.45 9.19 1.73
C SER A 87 18.70 10.46 2.12
N ASP A 88 17.39 10.37 2.22
CA ASP A 88 16.56 11.47 2.68
C ASP A 88 16.90 11.83 4.11
N ALA A 89 17.18 10.83 4.96
CA ALA A 89 17.52 11.08 6.37
C ALA A 89 18.71 12.02 6.51
N SER A 90 19.74 11.78 5.71
CA SER A 90 21.00 12.53 5.79
C SER A 90 20.95 13.88 5.07
N TYR A 91 20.09 13.99 4.06
CA TYR A 91 19.96 15.21 3.28
C TYR A 91 18.47 15.53 3.18
N PRO A 92 17.89 15.98 4.31
CA PRO A 92 16.44 16.13 4.46
C PRO A 92 15.84 17.21 3.56
N TYR A 93 14.53 17.09 3.34
CA TYR A 93 13.79 17.96 2.43
C TYR A 93 13.31 19.20 3.16
N LYS A 94 13.56 20.35 2.53
CA LYS A 94 13.29 21.67 3.09
C LYS A 94 12.33 22.52 2.28
N ALA A 95 11.83 21.98 1.16
CA ALA A 95 10.93 22.73 0.27
C ALA A 95 11.46 24.11 -0.13
N MET A 96 12.76 24.20 -0.39
CA MET A 96 13.33 25.39 -0.97
C MET A 96 14.65 25.07 -1.65
N ASP A 97 15.06 25.96 -2.56
CA ASP A 97 16.34 25.83 -3.24
C ASP A 97 17.45 26.18 -2.26
N GLN A 98 18.47 25.34 -2.21
CA GLN A 98 19.63 25.54 -1.36
C GLN A 98 20.86 25.27 -2.18
N LYS A 99 22.03 25.59 -1.63
CA LYS A 99 23.32 25.18 -2.19
C LYS A 99 23.39 23.67 -2.20
N CYS A 100 24.10 23.12 -3.19
CA CYS A 100 24.28 21.70 -3.28
C CYS A 100 25.13 21.23 -2.10
N GLN A 101 24.61 20.29 -1.32
CA GLN A 101 25.31 19.80 -0.15
C GLN A 101 25.44 18.27 -0.21
N TYR A 102 25.53 17.72 -1.41
CA TYR A 102 25.79 16.31 -1.58
C TYR A 102 27.05 15.92 -0.80
N ASP A 103 26.97 14.77 -0.15
CA ASP A 103 28.10 14.21 0.54
C ASP A 103 28.06 12.72 0.34
N SER A 104 29.07 12.20 -0.37
CA SER A 104 29.11 10.77 -0.71
C SER A 104 29.20 9.86 0.52
N LYS A 105 29.61 10.41 1.66
CA LYS A 105 29.58 9.68 2.92
C LYS A 105 28.20 9.03 3.15
N TYR A 106 27.12 9.77 2.86
CA TYR A 106 25.75 9.29 3.10
C TYR A 106 25.03 8.78 1.82
N ARG A 107 25.80 8.45 0.79
CA ARG A 107 25.29 7.88 -0.45
C ARG A 107 24.48 6.64 -0.10
N ALA A 108 23.20 6.63 -0.47
CA ALA A 108 22.33 5.47 -0.22
C ALA A 108 22.01 4.68 -1.51
N ALA A 109 22.28 5.26 -2.67
CA ALA A 109 21.95 4.59 -3.91
C ALA A 109 22.76 5.13 -5.07
N THR A 110 22.81 4.31 -6.09
CA THR A 110 23.53 4.58 -7.30
C THR A 110 22.53 4.37 -8.45
N CYS A 111 22.85 4.88 -9.64
CA CYS A 111 22.05 4.63 -10.84
C CYS A 111 22.99 4.34 -12.00
N SER A 112 22.82 3.17 -12.63
CA SER A 112 23.66 2.76 -13.77
C SER A 112 23.20 3.40 -15.07
N LYS A 113 21.89 3.55 -15.22
CA LYS A 113 21.25 4.00 -16.43
C LYS A 113 19.78 4.24 -16.17
N TYR A 114 19.10 4.84 -17.15
CA TYR A 114 17.66 4.90 -17.17
C TYR A 114 17.14 4.64 -18.58
N THR A 115 15.87 4.27 -18.66
CA THR A 115 15.20 3.95 -19.89
C THR A 115 13.97 4.82 -19.99
N GLU A 116 13.77 5.43 -21.16
CA GLU A 116 12.54 6.14 -21.47
C GLU A 116 11.62 5.21 -22.24
N LEU A 117 10.32 5.39 -22.08
CA LEU A 117 9.33 4.62 -22.82
C LEU A 117 8.73 5.47 -23.93
N PRO A 118 8.20 4.82 -24.96
CA PRO A 118 7.67 5.57 -26.10
C PRO A 118 6.38 6.32 -25.74
N TYR A 119 6.29 7.54 -26.25
CA TYR A 119 5.21 8.46 -25.98
C TYR A 119 3.83 7.85 -26.26
N GLY A 120 2.94 7.93 -25.27
CA GLY A 120 1.54 7.54 -25.40
C GLY A 120 1.26 6.04 -25.37
N ARG A 121 2.29 5.22 -25.16
CA ARG A 121 2.12 3.78 -25.20
C ARG A 121 1.78 3.22 -23.83
N GLU A 122 0.48 3.09 -23.56
CA GLU A 122 0.01 2.58 -22.28
C GLU A 122 0.26 1.08 -22.13
N ASP A 123 0.34 0.38 -23.26
CA ASP A 123 0.67 -1.05 -23.26
C ASP A 123 2.11 -1.29 -22.86
N VAL A 124 3.01 -0.41 -23.30
CA VAL A 124 4.43 -0.54 -22.97
C VAL A 124 4.65 -0.13 -21.51
N LEU A 125 3.92 0.90 -21.06
CA LEU A 125 3.97 1.31 -19.65
C LEU A 125 3.52 0.18 -18.72
N LYS A 126 2.46 -0.51 -19.11
CA LYS A 126 1.94 -1.63 -18.33
C LYS A 126 3.01 -2.71 -18.15
N GLU A 127 3.64 -3.09 -19.26
CA GLU A 127 4.73 -4.06 -19.27
C GLU A 127 5.85 -3.66 -18.35
N ALA A 128 6.26 -2.39 -18.43
CA ALA A 128 7.37 -1.89 -17.61
C ALA A 128 6.97 -1.90 -16.15
N VAL A 129 5.75 -1.50 -15.85
CA VAL A 129 5.28 -1.50 -14.46
C VAL A 129 5.23 -2.94 -13.92
N ALA A 130 4.77 -3.88 -14.73
CA ALA A 130 4.70 -5.28 -14.32
C ALA A 130 6.09 -5.90 -14.13
N ASN A 131 6.99 -5.65 -15.08
CA ASN A 131 8.26 -6.38 -15.20
C ASN A 131 9.49 -5.67 -14.67
N LYS A 132 9.48 -4.34 -14.62
CA LYS A 132 10.64 -3.57 -14.18
C LYS A 132 10.49 -2.95 -12.79
N GLY A 133 9.34 -2.32 -12.55
CA GLY A 133 9.11 -1.63 -11.30
C GLY A 133 8.30 -0.37 -11.49
N PRO A 134 8.11 0.39 -10.41
CA PRO A 134 7.46 1.68 -10.54
C PRO A 134 8.13 2.57 -11.59
N VAL A 135 7.33 3.32 -12.31
CA VAL A 135 7.79 4.11 -13.43
C VAL A 135 7.48 5.57 -13.15
N SER A 136 8.49 6.42 -13.34
CA SER A 136 8.31 7.86 -13.25
C SER A 136 7.58 8.37 -14.48
N VAL A 137 6.51 9.13 -14.26
CA VAL A 137 5.74 9.73 -15.35
C VAL A 137 5.38 11.17 -15.04
N GLY A 138 5.04 11.90 -16.10
CA GLY A 138 4.43 13.22 -15.99
C GLY A 138 2.95 13.08 -16.25
N VAL A 139 2.17 13.93 -15.61
CA VAL A 139 0.75 14.04 -15.89
C VAL A 139 0.34 15.51 -16.06
N ASP A 140 -0.71 15.75 -16.83
CA ASP A 140 -1.41 17.01 -16.84
C ASP A 140 -2.21 17.14 -15.54
N ALA A 141 -1.67 17.91 -14.59
CA ALA A 141 -2.37 18.18 -13.35
C ALA A 141 -2.90 19.61 -13.26
N ARG A 142 -3.09 20.27 -14.40
CA ARG A 142 -3.45 21.71 -14.44
C ARG A 142 -4.96 21.90 -14.41
N HIS A 143 -5.68 21.12 -13.62
CA HIS A 143 -7.15 21.11 -13.62
C HIS A 143 -7.63 20.90 -12.19
N PRO A 144 -8.52 21.76 -11.67
CA PRO A 144 -9.00 21.66 -10.28
C PRO A 144 -9.44 20.25 -9.87
N SER A 145 -10.03 19.50 -10.79
CA SER A 145 -10.44 18.12 -10.46
C SER A 145 -9.29 17.22 -9.93
N PHE A 146 -8.08 17.43 -10.46
CA PHE A 146 -6.92 16.66 -10.05
C PHE A 146 -6.57 16.95 -8.60
N PHE A 147 -6.50 18.23 -8.26
CA PHE A 147 -6.15 18.71 -6.92
C PHE A 147 -7.22 18.32 -5.90
N LEU A 148 -8.47 18.28 -6.35
CA LEU A 148 -9.60 17.95 -5.49
C LEU A 148 -9.91 16.47 -5.43
N TYR A 149 -9.11 15.64 -6.09
CA TYR A 149 -9.38 14.19 -6.16
C TYR A 149 -9.38 13.60 -4.77
N ARG A 150 -10.37 12.75 -4.50
CA ARG A 150 -10.47 12.05 -3.20
C ARG A 150 -10.49 10.54 -3.30
N SER A 151 -11.27 10.01 -4.25
CA SER A 151 -11.43 8.56 -4.40
C SER A 151 -11.93 8.23 -5.81
N GLY A 152 -12.09 6.95 -6.11
CA GLY A 152 -12.58 6.51 -7.42
C GLY A 152 -11.48 6.52 -8.46
N VAL A 153 -11.86 6.36 -9.72
CA VAL A 153 -10.92 6.45 -10.82
C VAL A 153 -11.06 7.84 -11.45
N TYR A 154 -9.97 8.59 -11.44
CA TYR A 154 -9.93 9.96 -11.94
C TYR A 154 -10.08 9.98 -13.47
N TYR A 155 -11.08 10.74 -13.94
CA TYR A 155 -11.26 11.04 -15.35
C TYR A 155 -11.64 12.52 -15.53
N GLU A 156 -10.83 13.24 -16.30
CA GLU A 156 -10.97 14.67 -16.54
C GLU A 156 -11.05 14.90 -18.06
N PRO A 157 -12.25 15.17 -18.60
CA PRO A 157 -12.46 15.39 -20.04
C PRO A 157 -11.54 16.45 -20.67
N SER A 158 -11.21 17.51 -19.92
CA SER A 158 -10.34 18.56 -20.47
C SER A 158 -8.83 18.34 -20.19
N CYS A 159 -8.44 17.12 -19.82
CA CYS A 159 -7.01 16.80 -19.74
C CYS A 159 -6.42 16.76 -21.12
N THR A 160 -5.13 17.06 -21.20
CA THR A 160 -4.37 16.98 -22.43
C THR A 160 -3.27 15.96 -22.21
N GLN A 161 -2.48 15.70 -23.25
CA GLN A 161 -1.32 14.83 -23.14
C GLN A 161 -0.04 15.60 -22.79
N ASN A 162 -0.14 16.91 -22.56
CA ASN A 162 0.99 17.70 -22.08
C ASN A 162 1.10 17.55 -20.58
N VAL A 163 2.32 17.44 -20.06
CA VAL A 163 2.53 17.12 -18.66
C VAL A 163 3.22 18.29 -17.95
N ASN A 164 2.86 18.48 -16.68
CA ASN A 164 3.38 19.57 -15.85
C ASN A 164 3.54 19.20 -14.36
N HIS A 165 3.63 17.91 -14.06
CA HIS A 165 3.65 17.40 -12.71
C HIS A 165 4.21 15.99 -12.71
N GLY A 166 5.24 15.76 -11.92
CA GLY A 166 5.85 14.46 -11.80
C GLY A 166 5.19 13.59 -10.73
N VAL A 167 4.93 12.34 -11.08
CA VAL A 167 4.35 11.36 -10.18
C VAL A 167 4.95 10.00 -10.46
N LEU A 168 4.54 8.99 -9.70
CA LEU A 168 5.12 7.65 -9.77
C LEU A 168 4.02 6.63 -9.99
N VAL A 169 4.06 5.91 -11.11
CA VAL A 169 3.14 4.82 -11.32
C VAL A 169 3.67 3.64 -10.54
N VAL A 170 2.93 3.22 -9.52
CA VAL A 170 3.35 2.09 -8.69
C VAL A 170 2.48 0.86 -8.92
N GLY A 171 1.58 0.92 -9.89
CA GLY A 171 0.68 -0.18 -10.12
C GLY A 171 -0.38 0.13 -11.14
N TYR A 172 -1.25 -0.85 -11.33
CA TYR A 172 -2.42 -0.70 -12.19
C TYR A 172 -3.45 -1.74 -11.83
N GLY A 173 -4.64 -1.55 -12.34
CA GLY A 173 -5.73 -2.51 -12.14
C GLY A 173 -7.02 -1.96 -12.68
N ASP A 174 -8.13 -2.43 -12.10
CA ASP A 174 -9.45 -1.92 -12.46
C ASP A 174 -10.32 -1.79 -11.23
N LEU A 175 -11.26 -0.89 -11.30
CA LEU A 175 -12.30 -0.78 -10.32
C LEU A 175 -13.65 -0.98 -11.01
N ASN A 176 -14.26 -2.13 -10.72
CA ASN A 176 -15.49 -2.55 -11.41
C ASN A 176 -15.34 -2.46 -12.92
N GLY A 177 -14.19 -2.96 -13.42
CA GLY A 177 -13.87 -2.95 -14.85
C GLY A 177 -13.38 -1.63 -15.44
N LYS A 178 -13.32 -0.57 -14.65
CA LYS A 178 -12.74 0.71 -15.08
C LYS A 178 -11.26 0.75 -14.76
N GLU A 179 -10.47 0.65 -15.82
CA GLU A 179 -9.04 0.46 -15.68
C GLU A 179 -8.39 1.74 -15.18
N TYR A 180 -7.34 1.57 -14.39
CA TYR A 180 -6.60 2.69 -13.82
C TYR A 180 -5.12 2.40 -13.68
N TRP A 181 -4.36 3.48 -13.54
CA TRP A 181 -2.98 3.47 -13.10
C TRP A 181 -2.98 3.91 -11.63
N LEU A 182 -2.26 3.16 -10.78
CA LEU A 182 -2.09 3.52 -9.37
C LEU A 182 -0.88 4.45 -9.27
N VAL A 183 -1.12 5.67 -8.82
CA VAL A 183 -0.16 6.75 -8.92
C VAL A 183 0.15 7.30 -7.53
N LYS A 184 1.43 7.29 -7.16
CA LYS A 184 1.91 7.91 -5.94
C LYS A 184 2.22 9.38 -6.22
N ASN A 185 1.56 10.28 -5.47
CA ASN A 185 1.82 11.73 -5.59
C ASN A 185 2.70 12.17 -4.43
N SER A 186 3.06 13.45 -4.40
CA SER A 186 3.94 13.99 -3.36
C SER A 186 3.33 15.26 -2.76
N TRP A 187 2.01 15.24 -2.57
CA TRP A 187 1.28 16.30 -1.91
C TRP A 187 0.72 15.86 -0.56
N GLY A 188 1.43 14.95 0.10
CA GLY A 188 1.07 14.51 1.42
C GLY A 188 -0.12 13.57 1.46
N HIS A 189 -0.48 13.17 2.68
CA HIS A 189 -1.51 12.16 2.92
C HIS A 189 -2.93 12.67 2.67
N ASN A 190 -3.15 13.99 2.75
CA ASN A 190 -4.50 14.51 2.55
C ASN A 190 -4.88 14.67 1.09
N PHE A 191 -3.94 14.53 0.16
CA PHE A 191 -4.30 14.40 -1.26
C PHE A 191 -4.82 12.99 -1.53
N GLY A 192 -5.91 12.87 -2.29
CA GLY A 192 -6.43 11.58 -2.72
C GLY A 192 -6.64 10.53 -1.65
N GLU A 193 -6.16 9.31 -1.91
CA GLU A 193 -6.32 8.16 -1.00
C GLU A 193 -4.98 7.94 -0.33
N GLU A 194 -4.78 8.67 0.76
CA GLU A 194 -3.53 8.71 1.49
C GLU A 194 -2.32 9.06 0.63
N GLY A 195 -2.51 10.04 -0.25
CA GLY A 195 -1.48 10.49 -1.18
C GLY A 195 -1.46 9.85 -2.56
N TYR A 196 -2.37 8.90 -2.79
CA TYR A 196 -2.47 8.14 -4.04
C TYR A 196 -3.69 8.54 -4.84
N ILE A 197 -3.59 8.36 -6.15
CA ILE A 197 -4.66 8.64 -7.08
C ILE A 197 -4.71 7.56 -8.14
N ARG A 198 -5.91 7.08 -8.40
CA ARG A 198 -6.15 6.14 -9.49
C ARG A 198 -6.54 6.99 -10.68
N MET A 199 -5.79 6.86 -11.77
CA MET A 199 -6.01 7.69 -12.97
C MET A 199 -6.38 6.79 -14.12
N ALA A 200 -7.34 7.24 -14.92
CA ALA A 200 -7.89 6.42 -15.99
C ALA A 200 -6.78 5.83 -16.88
N ARG A 201 -6.86 4.52 -17.10
CA ARG A 201 -5.90 3.78 -17.92
C ARG A 201 -6.61 3.30 -19.19
N ASN A 202 -5.85 3.20 -20.27
CA ASN A 202 -6.33 2.90 -21.63
C ASN A 202 -7.49 3.78 -22.11
N LYS A 203 -7.41 5.09 -21.85
CA LYS A 203 -8.34 6.08 -22.41
C LYS A 203 -7.52 7.07 -23.21
N GLY A 204 -6.72 6.55 -24.14
CA GLY A 204 -5.97 7.37 -25.06
C GLY A 204 -4.96 8.30 -24.42
N ASN A 205 -4.14 7.75 -23.52
CA ASN A 205 -3.08 8.49 -22.82
C ASN A 205 -3.66 9.65 -22.02
N HIS A 206 -4.63 9.32 -21.17
CA HIS A 206 -5.38 10.31 -20.39
C HIS A 206 -4.47 11.11 -19.46
N CYS A 207 -4.58 12.44 -19.54
CA CYS A 207 -3.69 13.38 -18.83
C CYS A 207 -2.20 13.13 -19.09
N GLY A 208 -1.85 12.59 -20.25
CA GLY A 208 -0.47 12.36 -20.65
C GLY A 208 0.34 11.43 -19.74
N ILE A 209 -0.33 10.50 -19.06
CA ILE A 209 0.32 9.60 -18.14
C ILE A 209 1.45 8.76 -18.76
N ALA A 210 1.28 8.42 -20.04
CA ALA A 210 2.28 7.70 -20.81
C ALA A 210 3.06 8.58 -21.78
N SER A 211 2.95 9.91 -21.67
CA SER A 211 3.69 10.81 -22.57
C SER A 211 5.20 10.69 -22.35
N PHE A 212 5.65 10.79 -21.10
CA PHE A 212 7.09 10.73 -20.80
C PHE A 212 7.43 9.84 -19.62
N PRO A 213 7.30 8.51 -19.80
CA PRO A 213 7.66 7.60 -18.71
C PRO A 213 9.13 7.27 -18.75
N SER A 214 9.71 7.03 -17.57
CA SER A 214 11.10 6.61 -17.43
C SER A 214 11.31 5.86 -16.14
N TYR A 215 12.28 4.96 -16.13
CA TYR A 215 12.68 4.28 -14.90
C TYR A 215 14.19 4.08 -14.91
N PRO A 216 14.81 4.13 -13.72
CA PRO A 216 16.24 3.88 -13.58
C PRO A 216 16.52 2.41 -13.32
N GLU A 217 17.79 2.03 -13.41
CA GLU A 217 18.26 0.71 -13.02
C GLU A 217 19.62 0.81 -12.32
N ILE A 218 19.84 -0.18 -11.45
CA ILE A 218 21.07 -0.36 -10.69
C ILE A 218 21.63 -1.74 -11.01
N LEU A 219 22.78 -1.80 -11.70
CA LEU A 219 23.53 -3.06 -11.84
C LEU A 219 24.64 -3.07 -10.80
N ILE B 1 -1.04 12.57 20.27
CA ILE B 1 -1.84 13.26 19.22
C ILE B 1 -1.86 12.40 17.93
N LEU B 2 -2.99 11.78 17.65
CA LEU B 2 -3.10 10.78 16.59
C LEU B 2 -3.32 11.45 15.25
N PRO B 3 -2.75 10.89 14.17
CA PRO B 3 -3.01 11.47 12.84
C PRO B 3 -4.47 11.31 12.41
N ASP B 4 -4.92 12.21 11.54
CA ASP B 4 -6.31 12.22 11.09
C ASP B 4 -6.68 11.04 10.20
N SER B 5 -5.70 10.51 9.45
CA SER B 5 -5.88 9.33 8.64
C SER B 5 -4.64 8.44 8.70
N VAL B 6 -4.86 7.14 8.65
CA VAL B 6 -3.78 6.19 8.35
C VAL B 6 -4.24 5.18 7.29
N ASP B 7 -3.27 4.68 6.54
CA ASP B 7 -3.48 3.63 5.57
C ASP B 7 -2.18 2.84 5.53
N TRP B 8 -2.22 1.64 6.12
CA TRP B 8 -1.03 0.81 6.22
C TRP B 8 -0.52 0.29 4.88
N ARG B 9 -1.31 0.39 3.82
CA ARG B 9 -0.80 0.13 2.47
C ARG B 9 0.25 1.17 2.08
N GLU B 10 -0.01 2.41 2.42
CA GLU B 10 0.89 3.52 2.16
C GLU B 10 2.16 3.39 3.01
N LYS B 11 2.05 2.74 4.14
CA LYS B 11 3.15 2.43 5.03
C LYS B 11 3.84 1.09 4.72
N GLY B 12 3.40 0.40 3.66
CA GLY B 12 4.13 -0.72 3.11
C GLY B 12 4.02 -2.04 3.86
N CYS B 13 2.92 -2.22 4.59
CA CYS B 13 2.75 -3.31 5.55
C CYS B 13 1.58 -4.22 5.21
N VAL B 14 1.04 -4.11 4.01
CA VAL B 14 -0.15 -4.88 3.64
C VAL B 14 0.12 -5.65 2.36
N THR B 15 -0.06 -6.97 2.44
CA THR B 15 0.07 -7.84 1.28
C THR B 15 -1.21 -7.77 0.45
N GLU B 16 -1.17 -8.37 -0.73
CA GLU B 16 -2.33 -8.40 -1.62
C GLU B 16 -3.55 -9.07 -0.99
N VAL B 17 -4.71 -8.65 -1.47
CA VAL B 17 -5.98 -9.22 -1.05
C VAL B 17 -6.04 -10.68 -1.49
N LYS B 18 -6.48 -11.53 -0.58
CA LYS B 18 -6.63 -12.96 -0.86
C LYS B 18 -8.08 -13.30 -1.15
N TYR B 19 -8.27 -14.50 -1.70
CA TYR B 19 -9.58 -15.02 -2.09
C TYR B 19 -9.85 -16.34 -1.34
N GLN B 20 -10.77 -16.31 -0.38
CA GLN B 20 -10.99 -17.47 0.46
C GLN B 20 -11.81 -18.56 -0.22
N GLY B 21 -12.52 -18.24 -1.29
CA GLY B 21 -13.33 -19.21 -2.00
C GLY B 21 -14.41 -19.82 -1.12
N SER B 22 -14.65 -21.12 -1.26
CA SER B 22 -15.69 -21.84 -0.52
C SER B 22 -15.11 -22.45 0.75
N CYS B 23 -14.63 -21.59 1.63
CA CYS B 23 -14.02 -22.00 2.86
C CYS B 23 -14.12 -20.83 3.80
N GLY B 24 -14.76 -21.06 4.95
CA GLY B 24 -14.99 -20.02 5.94
C GLY B 24 -13.75 -19.77 6.79
N ALA B 25 -12.70 -19.29 6.12
CA ALA B 25 -11.39 -19.10 6.73
C ALA B 25 -11.06 -17.62 6.96
N SER B 26 -12.08 -16.75 6.95
CA SER B 26 -11.84 -15.31 7.14
C SER B 26 -11.04 -15.03 8.41
N TRP B 27 -11.31 -15.80 9.46
CA TRP B 27 -10.53 -15.74 10.70
C TRP B 27 -9.02 -15.97 10.48
N ALA B 28 -8.66 -16.93 9.62
CA ALA B 28 -7.26 -17.20 9.36
C ALA B 28 -6.63 -16.07 8.53
N PHE B 29 -7.36 -15.57 7.55
CA PHE B 29 -6.86 -14.44 6.74
C PHE B 29 -6.69 -13.17 7.57
N SER B 30 -7.63 -12.88 8.46
CA SER B 30 -7.50 -11.74 9.36
C SER B 30 -6.24 -11.83 10.24
N ALA B 31 -6.01 -13.00 10.79
CA ALA B 31 -4.89 -13.23 11.67
C ALA B 31 -3.56 -13.09 10.93
N VAL B 32 -3.41 -13.73 9.78
CA VAL B 32 -2.14 -13.65 9.07
C VAL B 32 -1.86 -12.23 8.59
N GLY B 33 -2.91 -11.53 8.15
CA GLY B 33 -2.76 -10.14 7.73
C GLY B 33 -2.17 -9.25 8.80
N ALA B 34 -2.64 -9.41 10.03
CA ALA B 34 -2.13 -8.65 11.15
C ALA B 34 -0.66 -8.98 11.40
N LEU B 35 -0.32 -10.25 11.37
CA LEU B 35 1.04 -10.68 11.61
C LEU B 35 1.98 -10.25 10.48
N GLU B 36 1.48 -10.28 9.25
CA GLU B 36 2.23 -9.79 8.09
C GLU B 36 2.78 -8.37 8.33
N ALA B 37 1.93 -7.49 8.87
CA ALA B 37 2.33 -6.13 9.16
C ALA B 37 3.46 -6.07 10.20
N GLN B 38 3.35 -6.87 11.23
CA GLN B 38 4.34 -6.87 12.30
C GLN B 38 5.65 -7.46 11.80
N LEU B 39 5.56 -8.51 10.98
CA LEU B 39 6.75 -9.10 10.35
C LEU B 39 7.51 -8.06 9.55
N LYS B 40 6.78 -7.26 8.77
CA LYS B 40 7.39 -6.19 7.98
C LYS B 40 8.00 -5.13 8.89
N LEU B 41 7.27 -4.73 9.91
CA LEU B 41 7.74 -3.74 10.87
C LEU B 41 9.04 -4.14 11.53
N LYS B 42 9.14 -5.41 11.92
CA LYS B 42 10.34 -5.91 12.59
C LYS B 42 11.54 -6.12 11.65
N THR B 43 11.29 -6.71 10.48
CA THR B 43 12.36 -7.23 9.62
C THR B 43 12.56 -6.53 8.29
N GLY B 44 11.64 -5.64 7.92
CA GLY B 44 11.68 -5.03 6.59
C GLY B 44 11.14 -5.87 5.44
N LYS B 45 10.81 -7.14 5.67
CA LYS B 45 10.31 -8.00 4.60
C LYS B 45 8.76 -8.11 4.70
N LEU B 46 8.09 -7.93 3.57
CA LEU B 46 6.64 -8.10 3.47
C LEU B 46 6.33 -9.40 2.79
N VAL B 47 5.81 -10.38 3.51
CA VAL B 47 5.56 -11.70 2.93
C VAL B 47 4.21 -12.24 3.39
N SER B 48 3.43 -12.76 2.44
CA SER B 48 2.16 -13.35 2.75
C SER B 48 2.40 -14.59 3.61
N LEU B 49 1.62 -14.72 4.68
CA LEU B 49 1.74 -15.86 5.59
C LEU B 49 0.62 -16.85 5.32
N SER B 50 0.83 -18.09 5.73
CA SER B 50 -0.04 -19.19 5.34
C SER B 50 -1.33 -19.26 6.16
N ALA B 51 -2.42 -18.80 5.55
CA ALA B 51 -3.74 -19.00 6.12
C ALA B 51 -4.07 -20.49 6.21
N GLN B 52 -3.57 -21.27 5.26
CA GLN B 52 -3.83 -22.71 5.23
C GLN B 52 -3.19 -23.43 6.41
N ASN B 53 -1.98 -23.01 6.77
CA ASN B 53 -1.32 -23.43 7.99
C ASN B 53 -2.29 -23.31 9.19
N LEU B 54 -2.98 -22.18 9.32
CA LEU B 54 -3.94 -21.98 10.41
C LEU B 54 -5.17 -22.87 10.25
N VAL B 55 -5.67 -22.97 9.03
CA VAL B 55 -6.83 -23.83 8.76
C VAL B 55 -6.56 -25.27 9.15
N ASP B 56 -5.40 -25.80 8.73
CA ASP B 56 -5.08 -27.20 8.95
C ASP B 56 -4.58 -27.51 10.37
N CYS B 57 -3.85 -26.60 11.00
CA CYS B 57 -3.14 -26.89 12.25
C CYS B 57 -3.69 -26.21 13.52
N SER B 58 -4.32 -25.05 13.41
CA SER B 58 -4.96 -24.40 14.56
C SER B 58 -6.43 -24.83 14.57
N THR B 59 -6.68 -26.00 15.16
CA THR B 59 -7.98 -26.70 15.02
C THR B 59 -8.67 -26.79 16.39
N GLU B 60 -9.05 -28.00 16.83
CA GLU B 60 -10.01 -28.19 17.95
C GLU B 60 -9.43 -27.70 19.25
N LYS B 61 -8.13 -27.90 19.43
CA LYS B 61 -7.42 -27.42 20.61
C LYS B 61 -7.54 -25.89 20.76
N TYR B 62 -7.73 -25.17 19.65
CA TYR B 62 -7.84 -23.70 19.63
C TYR B 62 -9.27 -23.20 19.38
N GLY B 63 -10.24 -24.09 19.51
CA GLY B 63 -11.65 -23.78 19.25
C GLY B 63 -12.00 -23.48 17.82
N ASN B 64 -11.10 -23.81 16.90
CA ASN B 64 -11.24 -23.43 15.50
C ASN B 64 -11.71 -24.64 14.73
N LYS B 65 -12.44 -24.39 13.64
CA LYS B 65 -13.11 -25.42 12.86
C LYS B 65 -12.76 -25.28 11.37
N GLY B 66 -11.53 -24.87 11.08
CA GLY B 66 -11.04 -24.72 9.71
C GLY B 66 -11.96 -23.90 8.82
N CYS B 67 -12.52 -24.54 7.79
CA CYS B 67 -13.43 -23.86 6.85
C CYS B 67 -14.82 -23.60 7.43
N ASN B 68 -15.13 -24.09 8.63
CA ASN B 68 -16.39 -23.76 9.30
C ASN B 68 -16.26 -22.66 10.35
N GLY B 69 -15.12 -21.96 10.39
CA GLY B 69 -14.96 -20.77 11.22
C GLY B 69 -13.92 -20.94 12.28
N GLY B 70 -13.66 -19.85 13.00
CA GLY B 70 -12.60 -19.80 14.01
C GLY B 70 -12.38 -18.39 14.51
N PHE B 71 -11.29 -18.21 15.26
CA PHE B 71 -11.00 -16.98 15.96
C PHE B 71 -9.56 -16.56 15.72
N MET B 72 -9.34 -15.26 15.53
CA MET B 72 -7.99 -14.74 15.36
C MET B 72 -7.15 -14.86 16.62
N THR B 73 -7.78 -14.66 17.78
CA THR B 73 -7.03 -14.69 19.05
C THR B 73 -6.38 -16.07 19.28
N THR B 74 -7.17 -17.14 19.12
CA THR B 74 -6.66 -18.50 19.27
C THR B 74 -5.76 -18.92 18.11
N ALA B 75 -5.93 -18.30 16.94
CA ALA B 75 -4.98 -18.44 15.85
C ALA B 75 -3.61 -17.90 16.24
N PHE B 76 -3.57 -16.73 16.85
CA PHE B 76 -2.30 -16.17 17.35
C PHE B 76 -1.68 -17.07 18.41
N GLN B 77 -2.50 -17.61 19.28
CA GLN B 77 -2.01 -18.52 20.32
C GLN B 77 -1.35 -19.73 19.70
N TYR B 78 -1.99 -20.32 18.69
CA TYR B 78 -1.36 -21.41 17.93
C TYR B 78 0.03 -21.04 17.44
N ILE B 79 0.17 -19.86 16.84
CA ILE B 79 1.46 -19.42 16.30
C ILE B 79 2.50 -19.30 17.44
N ILE B 80 2.05 -18.81 18.59
CA ILE B 80 2.92 -18.72 19.76
C ILE B 80 3.33 -20.13 20.18
N ASP B 81 2.36 -20.99 20.44
CA ASP B 81 2.64 -22.38 20.89
C ASP B 81 3.51 -23.15 19.89
N ASN B 82 3.23 -22.96 18.60
CA ASN B 82 3.91 -23.66 17.53
C ASN B 82 5.31 -23.12 17.26
N LYS B 83 5.64 -21.96 17.82
CA LYS B 83 6.89 -21.25 17.55
C LYS B 83 7.08 -20.92 16.05
N GLY B 84 5.97 -20.72 15.33
CA GLY B 84 6.07 -20.26 13.95
C GLY B 84 4.84 -20.44 13.09
N ILE B 85 4.90 -19.79 11.94
CA ILE B 85 3.90 -19.98 10.89
C ILE B 85 4.65 -19.96 9.57
N ASP B 86 4.25 -20.83 8.65
CA ASP B 86 4.87 -20.92 7.33
C ASP B 86 4.42 -19.78 6.42
N SER B 87 5.28 -19.44 5.45
CA SER B 87 4.92 -18.53 4.39
C SER B 87 3.78 -19.12 3.57
N ASP B 88 3.00 -18.26 2.94
CA ASP B 88 1.95 -18.70 2.04
C ASP B 88 2.53 -19.45 0.84
N ALA B 89 3.68 -18.99 0.33
CA ALA B 89 4.34 -19.66 -0.81
C ALA B 89 4.61 -21.12 -0.54
N SER B 90 5.12 -21.43 0.65
CA SER B 90 5.55 -22.78 1.02
C SER B 90 4.38 -23.66 1.46
N TYR B 91 3.32 -23.05 1.98
CA TYR B 91 2.16 -23.77 2.47
C TYR B 91 0.92 -23.10 1.88
N PRO B 92 0.70 -23.30 0.57
CA PRO B 92 -0.31 -22.57 -0.19
C PRO B 92 -1.75 -22.87 0.22
N TYR B 93 -2.64 -21.93 -0.10
CA TYR B 93 -4.04 -21.97 0.30
C TYR B 93 -4.85 -22.74 -0.70
N LYS B 94 -5.66 -23.66 -0.19
CA LYS B 94 -6.44 -24.60 -0.97
C LYS B 94 -7.94 -24.52 -0.75
N ALA B 95 -8.40 -23.61 0.11
CA ALA B 95 -9.83 -23.47 0.42
C ALA B 95 -10.51 -24.78 0.80
N MET B 96 -9.81 -25.61 1.56
CA MET B 96 -10.41 -26.79 2.16
C MET B 96 -9.58 -27.22 3.35
N ASP B 97 -10.21 -28.00 4.22
CA ASP B 97 -9.54 -28.57 5.38
C ASP B 97 -8.61 -29.70 4.91
N GLN B 98 -7.38 -29.70 5.40
CA GLN B 98 -6.40 -30.72 5.10
C GLN B 98 -5.74 -31.13 6.40
N LYS B 99 -4.92 -32.19 6.33
CA LYS B 99 -4.04 -32.57 7.43
C LYS B 99 -3.04 -31.46 7.67
N CYS B 100 -2.62 -31.31 8.92
CA CYS B 100 -1.64 -30.31 9.27
C CYS B 100 -0.31 -30.68 8.63
N GLN B 101 0.25 -29.77 7.85
CA GLN B 101 1.50 -30.02 7.16
C GLN B 101 2.52 -28.92 7.45
N TYR B 102 2.46 -28.35 8.63
CA TYR B 102 3.45 -27.39 9.05
C TYR B 102 4.85 -27.95 8.90
N ASP B 103 5.77 -27.12 8.43
CA ASP B 103 7.17 -27.46 8.36
C ASP B 103 7.97 -26.25 8.79
N SER B 104 8.66 -26.38 9.92
CA SER B 104 9.40 -25.28 10.50
C SER B 104 10.52 -24.74 9.64
N LYS B 105 10.98 -25.53 8.69
CA LYS B 105 12.01 -25.03 7.84
C LYS B 105 11.56 -23.78 7.11
N TYR B 106 10.29 -23.71 6.76
CA TYR B 106 9.74 -22.60 6.00
C TYR B 106 8.98 -21.59 6.79
N ARG B 107 9.22 -21.55 8.08
CA ARG B 107 8.55 -20.60 8.89
C ARG B 107 8.98 -19.22 8.47
N ALA B 108 8.02 -18.35 8.33
CA ALA B 108 8.28 -17.01 7.88
C ALA B 108 8.09 -15.98 8.96
N ALA B 109 7.38 -16.34 10.00
CA ALA B 109 7.15 -15.45 11.09
C ALA B 109 6.96 -16.19 12.37
N THR B 110 7.13 -15.44 13.41
CA THR B 110 6.96 -15.91 14.77
C THR B 110 5.97 -14.93 15.43
N CYS B 111 5.41 -15.32 16.56
CA CYS B 111 4.54 -14.43 17.35
C CYS B 111 4.90 -14.57 18.82
N SER B 112 5.26 -13.47 19.47
CA SER B 112 5.62 -13.45 20.90
C SER B 112 4.37 -13.44 21.80
N LYS B 113 3.34 -12.72 21.35
CA LYS B 113 2.15 -12.45 22.15
C LYS B 113 1.11 -11.80 21.24
N TYR B 114 -0.10 -11.70 21.77
CA TYR B 114 -1.11 -10.84 21.18
C TYR B 114 -1.86 -10.09 22.28
N THR B 115 -2.49 -9.00 21.86
CA THR B 115 -3.19 -8.10 22.75
C THR B 115 -4.61 -7.98 22.23
N GLU B 116 -5.58 -8.13 23.14
CA GLU B 116 -6.97 -7.84 22.86
C GLU B 116 -7.26 -6.41 23.29
N LEU B 117 -8.17 -5.77 22.58
CA LEU B 117 -8.61 -4.42 22.94
C LEU B 117 -9.97 -4.48 23.60
N PRO B 118 -10.29 -3.44 24.40
CA PRO B 118 -11.57 -3.47 25.13
C PRO B 118 -12.76 -3.32 24.19
N TYR B 119 -13.79 -4.10 24.48
CA TYR B 119 -15.00 -4.19 23.68
C TYR B 119 -15.64 -2.82 23.42
N GLY B 120 -15.91 -2.54 22.15
CA GLY B 120 -16.64 -1.35 21.74
C GLY B 120 -15.86 -0.03 21.76
N ARG B 121 -14.58 -0.06 22.08
CA ARG B 121 -13.80 1.17 22.22
C ARG B 121 -13.14 1.53 20.90
N GLU B 122 -13.82 2.37 20.13
CA GLU B 122 -13.31 2.82 18.84
C GLU B 122 -12.14 3.80 18.98
N ASP B 123 -12.08 4.49 20.13
CA ASP B 123 -10.96 5.37 20.43
C ASP B 123 -9.68 4.58 20.67
N VAL B 124 -9.81 3.44 21.35
CA VAL B 124 -8.65 2.60 21.63
C VAL B 124 -8.21 1.91 20.34
N LEU B 125 -9.17 1.47 19.52
CA LEU B 125 -8.87 0.87 18.23
C LEU B 125 -8.11 1.85 17.31
N LYS B 126 -8.52 3.10 17.31
CA LYS B 126 -7.86 4.13 16.50
C LYS B 126 -6.39 4.27 16.90
N GLU B 127 -6.16 4.37 18.20
CA GLU B 127 -4.81 4.46 18.74
C GLU B 127 -3.96 3.27 18.33
N ALA B 128 -4.51 2.06 18.45
CA ALA B 128 -3.79 0.84 18.11
C ALA B 128 -3.50 0.82 16.62
N VAL B 129 -4.47 1.21 15.80
CA VAL B 129 -4.26 1.24 14.35
C VAL B 129 -3.16 2.25 13.98
N ALA B 130 -3.17 3.42 14.64
CA ALA B 130 -2.16 4.45 14.37
C ALA B 130 -0.77 4.01 14.82
N ASN B 131 -0.69 3.45 16.04
CA ASN B 131 0.58 3.26 16.74
C ASN B 131 1.15 1.85 16.72
N LYS B 132 0.29 0.84 16.55
CA LYS B 132 0.76 -0.55 16.55
C LYS B 132 0.78 -1.19 15.16
N GLY B 133 -0.30 -1.04 14.42
CA GLY B 133 -0.42 -1.65 13.11
C GLY B 133 -1.83 -2.06 12.80
N PRO B 134 -2.02 -2.73 11.66
CA PRO B 134 -3.32 -3.29 11.37
C PRO B 134 -3.82 -4.20 12.49
N VAL B 135 -5.13 -4.13 12.73
CA VAL B 135 -5.74 -4.83 13.84
C VAL B 135 -6.76 -5.81 13.29
N SER B 136 -6.70 -7.05 13.78
CA SER B 136 -7.68 -8.05 13.45
C SER B 136 -8.98 -7.78 14.20
N VAL B 137 -10.08 -7.75 13.48
CA VAL B 137 -11.40 -7.52 14.07
C VAL B 137 -12.43 -8.44 13.45
N GLY B 138 -13.52 -8.60 14.18
CA GLY B 138 -14.72 -9.25 13.69
C GLY B 138 -15.72 -8.19 13.34
N VAL B 139 -16.54 -8.46 12.33
CA VAL B 139 -17.67 -7.61 12.00
C VAL B 139 -18.92 -8.44 11.82
N ASP B 140 -20.08 -7.84 12.10
CA ASP B 140 -21.37 -8.36 11.69
C ASP B 140 -21.50 -8.20 10.17
N ALA B 141 -21.29 -9.27 9.43
CA ALA B 141 -21.46 -9.28 7.99
C ALA B 141 -22.68 -10.10 7.57
N ARG B 142 -23.66 -10.28 8.45
CA ARG B 142 -24.88 -11.07 8.16
C ARG B 142 -25.95 -10.24 7.40
N HIS B 143 -25.56 -9.33 6.51
CA HIS B 143 -26.49 -8.38 5.90
C HIS B 143 -26.10 -8.17 4.42
N PRO B 144 -27.07 -8.32 3.49
CA PRO B 144 -26.76 -8.21 2.05
C PRO B 144 -25.99 -6.96 1.66
N SER B 145 -26.25 -5.85 2.35
CA SER B 145 -25.57 -4.59 2.07
C SER B 145 -24.03 -4.71 2.17
N PHE B 146 -23.54 -5.55 3.09
CA PHE B 146 -22.10 -5.75 3.27
C PHE B 146 -21.47 -6.37 2.04
N PHE B 147 -22.10 -7.44 1.58
CA PHE B 147 -21.64 -8.23 0.43
C PHE B 147 -21.73 -7.43 -0.85
N LEU B 148 -22.75 -6.59 -0.93
CA LEU B 148 -23.01 -5.77 -2.13
C LEU B 148 -22.31 -4.42 -2.11
N TYR B 149 -21.46 -4.17 -1.11
CA TYR B 149 -20.80 -2.88 -0.97
C TYR B 149 -19.95 -2.57 -2.21
N ARG B 150 -20.05 -1.32 -2.68
CA ARG B 150 -19.29 -0.84 -3.83
C ARG B 150 -18.39 0.35 -3.55
N SER B 151 -18.91 1.36 -2.86
CA SER B 151 -18.17 2.59 -2.59
C SER B 151 -18.75 3.31 -1.39
N GLY B 152 -18.13 4.42 -1.02
CA GLY B 152 -18.57 5.24 0.10
C GLY B 152 -18.20 4.63 1.43
N VAL B 153 -18.81 5.15 2.48
CA VAL B 153 -18.64 4.61 3.81
C VAL B 153 -19.86 3.75 4.11
N TYR B 154 -19.61 2.46 4.39
CA TYR B 154 -20.65 1.50 4.66
C TYR B 154 -21.36 1.80 5.99
N TYR B 155 -22.68 1.93 5.90
CA TYR B 155 -23.54 2.07 7.06
C TYR B 155 -24.80 1.24 6.89
N GLU B 156 -25.03 0.32 7.83
CA GLU B 156 -26.13 -0.63 7.82
C GLU B 156 -26.89 -0.49 9.15
N PRO B 157 -28.06 0.18 9.12
CA PRO B 157 -28.89 0.39 10.34
C PRO B 157 -29.20 -0.87 11.13
N SER B 158 -29.38 -2.01 10.46
CA SER B 158 -29.69 -3.26 11.18
C SER B 158 -28.44 -4.09 11.56
N CYS B 159 -27.25 -3.49 11.53
CA CYS B 159 -26.08 -4.15 12.10
C CYS B 159 -26.19 -4.27 13.60
N THR B 160 -25.55 -5.28 14.15
CA THR B 160 -25.46 -5.48 15.58
C THR B 160 -23.98 -5.44 15.94
N GLN B 161 -23.69 -5.56 17.23
CA GLN B 161 -22.31 -5.65 17.69
C GLN B 161 -21.80 -7.09 17.81
N ASN B 162 -22.62 -8.05 17.39
CA ASN B 162 -22.18 -9.45 17.33
C ASN B 162 -21.44 -9.65 16.01
N VAL B 163 -20.37 -10.43 16.02
CA VAL B 163 -19.51 -10.57 14.86
C VAL B 163 -19.52 -12.01 14.34
N ASN B 164 -19.39 -12.16 13.03
CA ASN B 164 -19.42 -13.46 12.35
C ASN B 164 -18.47 -13.55 11.12
N HIS B 165 -17.46 -12.69 11.06
CA HIS B 165 -16.62 -12.56 9.89
C HIS B 165 -15.35 -11.81 10.27
N GLY B 166 -14.20 -12.44 10.02
CA GLY B 166 -12.92 -11.84 10.30
C GLY B 166 -12.39 -10.96 9.17
N VAL B 167 -11.92 -9.78 9.55
CA VAL B 167 -11.34 -8.82 8.61
C VAL B 167 -10.17 -8.10 9.29
N LEU B 168 -9.53 -7.19 8.56
CA LEU B 168 -8.33 -6.53 9.02
C LEU B 168 -8.51 -5.02 8.88
N VAL B 169 -8.45 -4.30 10.00
CA VAL B 169 -8.48 -2.86 9.94
C VAL B 169 -7.08 -2.42 9.59
N VAL B 170 -6.92 -1.83 8.42
CA VAL B 170 -5.61 -1.38 7.94
C VAL B 170 -5.52 0.12 7.87
N GLY B 171 -6.52 0.81 8.42
CA GLY B 171 -6.50 2.25 8.37
C GLY B 171 -7.78 2.89 8.86
N TYR B 172 -7.80 4.22 8.79
CA TYR B 172 -9.00 4.99 9.05
C TYR B 172 -8.88 6.37 8.42
N GLY B 173 -10.00 7.07 8.37
CA GLY B 173 -10.05 8.43 7.86
C GLY B 173 -11.49 8.91 7.77
N ASP B 174 -11.72 9.86 6.88
CA ASP B 174 -13.09 10.34 6.61
C ASP B 174 -13.28 10.60 5.14
N LEU B 175 -14.51 10.48 4.69
CA LEU B 175 -14.83 10.56 3.28
C LEU B 175 -16.13 11.33 3.19
N ASN B 176 -16.09 12.53 2.64
CA ASN B 176 -17.30 13.35 2.43
C ASN B 176 -18.09 13.48 3.73
N GLY B 177 -17.38 13.78 4.81
CA GLY B 177 -17.96 13.96 6.13
C GLY B 177 -18.28 12.71 6.94
N LYS B 178 -18.01 11.53 6.39
CA LYS B 178 -18.23 10.27 7.12
C LYS B 178 -16.90 9.72 7.57
N GLU B 179 -16.71 9.58 8.89
CA GLU B 179 -15.56 8.82 9.39
C GLU B 179 -15.70 7.34 9.07
N TYR B 180 -14.57 6.69 8.79
CA TYR B 180 -14.57 5.28 8.44
C TYR B 180 -13.31 4.56 8.95
N TRP B 181 -13.44 3.24 9.02
CA TRP B 181 -12.36 2.31 9.17
C TRP B 181 -12.08 1.72 7.79
N LEU B 182 -10.81 1.68 7.40
CA LEU B 182 -10.36 1.02 6.16
C LEU B 182 -10.12 -0.45 6.45
N VAL B 183 -10.88 -1.31 5.79
CA VAL B 183 -10.96 -2.73 6.15
C VAL B 183 -10.56 -3.60 4.97
N LYS B 184 -9.56 -4.44 5.17
CA LYS B 184 -9.13 -5.43 4.19
C LYS B 184 -9.94 -6.72 4.40
N ASN B 185 -10.65 -7.16 3.37
CA ASN B 185 -11.43 -8.41 3.41
C ASN B 185 -10.66 -9.51 2.68
N SER B 186 -11.23 -10.71 2.61
CA SER B 186 -10.57 -11.84 1.97
C SER B 186 -11.51 -12.56 1.01
N TRP B 187 -12.30 -11.77 0.28
CA TRP B 187 -13.20 -12.29 -0.76
C TRP B 187 -12.73 -11.86 -2.15
N GLY B 188 -11.41 -11.70 -2.31
CA GLY B 188 -10.83 -11.35 -3.58
C GLY B 188 -11.03 -9.91 -3.96
N HIS B 189 -10.48 -9.59 -5.14
CA HIS B 189 -10.56 -8.24 -5.71
C HIS B 189 -11.95 -7.79 -6.15
N ASN B 190 -12.84 -8.73 -6.43
CA ASN B 190 -14.20 -8.38 -6.86
C ASN B 190 -15.13 -7.89 -5.74
N PHE B 191 -14.76 -8.13 -4.48
CA PHE B 191 -15.50 -7.56 -3.34
C PHE B 191 -15.13 -6.10 -3.18
N GLY B 192 -16.13 -5.24 -2.96
CA GLY B 192 -15.91 -3.84 -2.55
C GLY B 192 -15.01 -3.06 -3.49
N GLU B 193 -14.02 -2.35 -2.92
CA GLU B 193 -13.07 -1.56 -3.70
C GLU B 193 -11.76 -2.32 -3.73
N GLU B 194 -11.67 -3.22 -4.70
CA GLU B 194 -10.51 -4.09 -4.88
C GLU B 194 -10.19 -4.93 -3.64
N GLY B 195 -11.24 -5.45 -3.02
CA GLY B 195 -11.15 -6.25 -1.80
C GLY B 195 -11.30 -5.52 -0.48
N TYR B 196 -11.44 -4.19 -0.54
CA TYR B 196 -11.52 -3.33 0.63
C TYR B 196 -12.91 -2.74 0.80
N ILE B 197 -13.23 -2.37 2.04
CA ILE B 197 -14.48 -1.70 2.37
C ILE B 197 -14.20 -0.64 3.45
N ARG B 198 -14.78 0.54 3.26
CA ARG B 198 -14.77 1.55 4.29
C ARG B 198 -16.03 1.37 5.13
N MET B 199 -15.86 1.19 6.43
CA MET B 199 -16.96 0.91 7.35
C MET B 199 -17.08 2.02 8.36
N ALA B 200 -18.31 2.40 8.68
CA ALA B 200 -18.59 3.57 9.52
C ALA B 200 -17.80 3.49 10.81
N ARG B 201 -17.10 4.58 11.12
CA ARG B 201 -16.34 4.74 12.33
C ARG B 201 -17.00 5.77 13.23
N ASN B 202 -16.83 5.58 14.54
CA ASN B 202 -17.48 6.36 15.61
C ASN B 202 -19.01 6.46 15.48
N LYS B 203 -19.66 5.35 15.13
CA LYS B 203 -21.11 5.24 15.13
C LYS B 203 -21.52 4.14 16.08
N GLY B 204 -21.05 4.24 17.31
CA GLY B 204 -21.43 3.32 18.36
C GLY B 204 -21.08 1.86 18.11
N ASN B 205 -19.82 1.62 17.70
CA ASN B 205 -19.32 0.26 17.43
C ASN B 205 -20.14 -0.41 16.32
N HIS B 206 -20.22 0.29 15.19
CA HIS B 206 -21.04 -0.15 14.05
C HIS B 206 -20.61 -1.50 13.49
N CYS B 207 -21.57 -2.43 13.38
CA CYS B 207 -21.32 -3.82 12.99
C CYS B 207 -20.26 -4.52 13.88
N GLY B 208 -20.15 -4.11 15.13
CA GLY B 208 -19.21 -4.72 16.07
C GLY B 208 -17.74 -4.67 15.69
N ILE B 209 -17.35 -3.66 14.90
CA ILE B 209 -15.97 -3.56 14.43
C ILE B 209 -14.93 -3.50 15.55
N ALA B 210 -15.32 -2.88 16.68
CA ALA B 210 -14.49 -2.80 17.87
C ALA B 210 -14.90 -3.79 18.97
N SER B 211 -15.77 -4.75 18.68
CA SER B 211 -16.20 -5.72 19.71
C SER B 211 -15.04 -6.60 20.16
N PHE B 212 -14.32 -7.20 19.21
CA PHE B 212 -13.20 -8.09 19.53
C PHE B 212 -11.98 -7.82 18.67
N PRO B 213 -11.27 -6.71 18.94
CA PRO B 213 -10.05 -6.44 18.19
C PRO B 213 -8.87 -7.10 18.85
N SER B 214 -7.89 -7.49 18.03
CA SER B 214 -6.65 -8.06 18.52
C SER B 214 -5.52 -7.84 17.53
N TYR B 215 -4.30 -7.73 18.04
CA TYR B 215 -3.12 -7.66 17.19
C TYR B 215 -1.99 -8.43 17.83
N PRO B 216 -1.14 -9.07 17.00
CA PRO B 216 0.02 -9.79 17.50
C PRO B 216 1.24 -8.89 17.56
N GLU B 217 2.28 -9.37 18.23
CA GLU B 217 3.60 -8.72 18.22
C GLU B 217 4.72 -9.75 18.18
N ILE B 218 5.90 -9.31 17.78
CA ILE B 218 7.09 -10.16 17.66
C ILE B 218 8.19 -9.62 18.56
C1 BGJ C . 18.62 19.72 -21.93
C2 BGJ C . 17.31 20.32 -21.49
C3 BGJ C . 18.33 19.84 -20.48
C9 BGJ C . 15.97 18.95 -23.10
C12 BGJ C . 14.41 17.86 -20.93
C13 BGJ C . 15.78 18.47 -20.69
C20 BGJ C . 12.39 17.97 -22.33
C22 BGJ C . 12.22 16.47 -22.47
C10 BGJ C . 14.66 18.23 -23.27
C24 BGJ C . 10.84 16.13 -22.99
C29 BGJ C . 8.67 16.78 -20.30
C30 BGJ C . 8.08 17.69 -21.23
C31 BGJ C . 8.82 17.55 -22.36
C37 BGJ C . 8.58 18.29 -23.65
C38 BGJ C . 7.48 19.32 -23.42
C40 BGJ C . 6.94 18.61 -21.14
C46 BGJ C . 8.30 16.50 -18.91
C48 BGJ C . 8.17 15.19 -18.45
C49 BGJ C . 7.83 14.95 -17.14
C50 BGJ C . 7.61 16.00 -16.28
C51 BGJ C . 7.73 17.32 -16.69
C52 BGJ C . 8.07 17.55 -18.02
C61 BGJ C . 7.50 18.39 -15.77
C63 BGJ C . 7.29 19.22 -14.94
C65 BGJ C . 7.05 20.29 -14.00
C67 BGJ C . 7.19 20.06 -12.63
C68 BGJ C . 6.94 21.09 -11.73
C69 BGJ C . 6.55 22.36 -12.17
C70 BGJ C . 6.41 22.56 -13.54
C71 BGJ C . 6.67 21.54 -14.45
C78 BGJ C . 6.28 23.50 -11.20
C82 BGJ C . 4.56 25.22 -10.70
C84 BGJ C . 5.32 25.66 -9.46
C86 BGJ C . 6.37 26.56 -9.56
C87 BGJ C . 7.08 26.97 -8.43
C88 BGJ C . 6.74 26.46 -7.20
C89 BGJ C . 5.70 25.55 -7.07
C90 BGJ C . 4.99 25.15 -8.20
C91 BGJ C . 4.47 20.59 -22.71
N11 BGJ C . 13.79 18.45 -22.11
N26 BGJ C . 9.78 16.63 -22.11
N28 BGJ C . 9.71 16.14 -20.84
N39 BGJ C . 6.47 18.77 -22.53
N7 BGJ C . 16.09 19.51 -21.71
N80 BGJ C . 4.84 23.79 -11.05
O13 BGJ C . 4.85 18.63 -24.36
O15 BGJ C . 4.16 18.11 -22.07
S99 BGJ C . 4.92 18.92 -22.97
CL59 BGJ C . 7.19 15.68 -14.66
CL97 BGJ C . 7.64 26.96 -5.78
S SO4 D . 4.64 20.51 -8.82
O1 SO4 D . 6.04 20.12 -8.52
O2 SO4 D . 4.27 19.90 -10.13
O3 SO4 D . 4.55 21.96 -8.86
O4 SO4 D . 3.70 20.08 -7.76
S SO4 E . -16.85 3.54 -18.42
O1 SO4 E . -17.07 4.48 -17.28
O2 SO4 E . -15.68 2.68 -18.11
O3 SO4 E . -16.57 4.27 -19.66
O4 SO4 E . -18.08 2.74 -18.63
S SO4 F . -5.29 -4.36 -20.66
O1 SO4 F . -4.14 -4.24 -21.60
O2 SO4 F . -4.82 -3.91 -19.34
O3 SO4 F . -6.44 -3.54 -21.10
O4 SO4 F . -5.73 -5.79 -20.61
C1 BGJ G . -13.59 -22.53 23.13
C2 BGJ G . -12.85 -21.50 22.35
C3 BGJ G . -12.26 -22.02 23.60
C9 BGJ G . -14.04 -19.56 23.54
C12 BGJ G . -13.24 -18.02 21.29
C13 BGJ G . -12.45 -19.15 21.90
C20 BGJ G . -13.42 -16.33 23.09
C22 BGJ G . -13.34 -14.99 22.36
C10 BGJ G . -14.90 -18.37 23.11
C24 BGJ G . -14.60 -14.11 22.48
C29 BGJ G . -15.51 -13.69 19.08
C30 BGJ G . -16.81 -13.76 19.62
C31 BGJ G . -16.65 -13.93 20.95
C37 BGJ G . -17.75 -14.06 21.95
C38 BGJ G . -19.09 -14.14 21.22
C40 BGJ G . -18.14 -13.70 18.98
C46 BGJ G . -15.10 -13.52 17.69
C48 BGJ G . -14.16 -12.58 17.29
C49 BGJ G . -13.81 -12.45 15.95
C50 BGJ G . -14.40 -13.27 15.01
C51 BGJ G . -15.36 -14.21 15.39
C52 BGJ G . -15.70 -14.33 16.72
C61 BGJ G . -15.98 -15.06 14.41
C63 BGJ G . -16.45 -15.73 13.55
C65 BGJ G . -16.97 -16.52 12.48
C67 BGJ G . -16.25 -16.66 11.29
C68 BGJ G . -16.76 -17.42 10.25
C69 BGJ G . -17.99 -18.06 10.37
C70 BGJ G . -18.70 -17.92 11.56
C71 BGJ G . -18.20 -17.16 12.60
C78 BGJ G . -18.54 -18.89 9.24
C82 BGJ G . -20.83 -17.97 9.08
C84 BGJ G . -21.82 -17.14 8.29
C86 BGJ G . -21.62 -15.78 8.11
C87 BGJ G . -22.52 -15.00 7.39
C88 BGJ G . -23.64 -15.61 6.85
C89 BGJ G . -23.87 -16.95 7.01
C90 BGJ G . -22.95 -17.72 7.74
C91 BGJ G . -21.68 -13.77 19.44
N11 BGJ G . -14.11 -17.37 22.29
N26 BGJ G . -15.32 -13.95 21.18
N28 BGJ G . -14.59 -13.80 20.03
N39 BGJ G . -19.08 -13.26 20.02
N7 BGJ G . -13.37 -20.12 22.37
N80 BGJ G . -19.49 -18.11 8.43
O13 BGJ G . -20.83 -11.77 20.81
O15 BGJ G . -20.31 -11.88 18.41
S99 BGJ G . -20.48 -12.54 19.66
CL59 BGJ G . -13.97 -13.11 13.34
CL97 BGJ G . -24.77 -14.66 5.96
S SO4 H . -16.31 -16.39 6.59
O1 SO4 H . -15.02 -16.99 6.98
O2 SO4 H . -16.11 -15.59 5.37
O3 SO4 H . -16.76 -15.53 7.70
O4 SO4 H . -17.36 -17.39 6.34
#